data_6RYO
#
_entry.id   6RYO
#
_cell.length_a   52.258
_cell.length_b   52.258
_cell.length_c   135.882
_cell.angle_alpha   90.00
_cell.angle_beta   90.00
_cell.angle_gamma   120.00
#
_symmetry.space_group_name_H-M   'P 32 2 1'
#
loop_
_entity.id
_entity.type
_entity.pdbx_description
1 polymer 'Lipoprotein signal peptidase'
2 polymer Globomycin
3 non-polymer '(2R)-2,3-dihydroxypropyl (9Z)-octadec-9-enoate'
4 non-polymer GLYCEROL
5 non-polymer 2-(2-(2-(2-(2-(2-ETHOXYETHOXY)ETHOXY)ETHOXY)ETHOXY)ETHOXY)ETHANOL
6 non-polymer 'ZINC ION'
7 water water
#
loop_
_entity_poly.entity_id
_entity_poly.type
_entity_poly.pdbx_seq_one_letter_code
_entity_poly.pdbx_strand_id
1 'polypeptide(L)'
;MGHHHHHHDYDIPTTENLYFQGAHMHKKYFIGTSILIAVFVVIFDQVTKYIIATTMKIGDSFEVIPHFLNITSHRNNGAA
WGILSGKMTFFFIITIIILIALVYFFIKDAQYNLFMQVAISLLFAGALGNFIDRVLTGEVVDFIDTNIFGYDFPIFNIAD
SSLTIGVILIIIALLKDTSNKKEKEVK
;
A
2 'polypeptide(L)' (MLE)(IIL)S(ALO)(5BV) B
#
# COMPACT_ATOMS: atom_id res chain seq x y z
N HIS A 24 -11.08 -9.47 -24.95
CA HIS A 24 -10.04 -9.81 -25.93
C HIS A 24 -9.36 -8.57 -26.48
N MET A 25 -8.64 -7.85 -25.61
CA MET A 25 -7.88 -6.67 -26.02
C MET A 25 -6.41 -6.91 -25.71
N HIS A 26 -5.57 -6.78 -26.73
CA HIS A 26 -4.12 -6.92 -26.60
C HIS A 26 -3.50 -5.58 -26.96
N LYS A 27 -3.18 -4.78 -25.93
CA LYS A 27 -2.68 -3.44 -26.13
C LYS A 27 -1.24 -3.34 -25.63
N LYS A 28 -0.56 -2.29 -26.09
CA LYS A 28 0.81 -2.03 -25.65
C LYS A 28 0.82 -1.66 -24.16
N TYR A 29 0.05 -0.65 -23.78
CA TYR A 29 -0.10 -0.26 -22.38
C TYR A 29 -1.57 -0.29 -22.02
N PHE A 30 -1.93 -1.14 -21.06
CA PHE A 30 -3.30 -1.21 -20.54
C PHE A 30 -3.52 -0.07 -19.55
N ILE A 31 -3.50 1.15 -20.08
CA ILE A 31 -3.62 2.34 -19.23
C ILE A 31 -5.01 2.43 -18.62
N GLY A 32 -6.05 2.03 -19.37
CA GLY A 32 -7.39 2.10 -18.83
C GLY A 32 -7.59 1.18 -17.64
N THR A 33 -7.07 -0.05 -17.71
CA THR A 33 -7.22 -0.98 -16.60
C THR A 33 -6.28 -0.62 -15.45
N SER A 34 -5.06 -0.19 -15.76
CA SER A 34 -4.08 0.06 -14.71
C SER A 34 -4.48 1.22 -13.81
N ILE A 35 -5.00 2.31 -14.40
CA ILE A 35 -5.28 3.51 -13.62
C ILE A 35 -6.48 3.31 -12.70
N LEU A 36 -7.57 2.74 -13.23
CA LEU A 36 -8.75 2.53 -12.39
C LEU A 36 -8.52 1.46 -11.35
N ILE A 37 -7.57 0.55 -11.57
CA ILE A 37 -7.10 -0.32 -10.48
C ILE A 37 -6.46 0.54 -9.40
N ALA A 38 -5.56 1.43 -9.81
CA ALA A 38 -4.94 2.35 -8.85
C ALA A 38 -5.97 3.30 -8.26
N VAL A 39 -6.97 3.70 -9.05
CA VAL A 39 -8.02 4.57 -8.53
C VAL A 39 -8.83 3.86 -7.46
N PHE A 40 -9.29 2.64 -7.76
CA PHE A 40 -10.12 1.91 -6.80
C PHE A 40 -9.36 1.56 -5.53
N VAL A 41 -8.06 1.29 -5.63
CA VAL A 41 -7.28 0.96 -4.44
C VAL A 41 -7.10 2.20 -3.56
N VAL A 42 -6.74 3.33 -4.17
CA VAL A 42 -6.51 4.55 -3.41
C VAL A 42 -7.80 5.03 -2.75
N ILE A 43 -8.92 4.96 -3.48
CA ILE A 43 -10.20 5.38 -2.92
C ILE A 43 -10.52 4.57 -1.67
N PHE A 44 -10.45 3.24 -1.77
CA PHE A 44 -10.80 2.39 -0.64
C PHE A 44 -9.79 2.49 0.50
N ASP A 45 -8.52 2.74 0.18
CA ASP A 45 -7.53 2.93 1.24
C ASP A 45 -7.77 4.24 1.97
N GLN A 46 -7.99 5.33 1.22
CA GLN A 46 -8.19 6.63 1.84
C GLN A 46 -9.51 6.70 2.59
N VAL A 47 -10.56 6.08 2.04
CA VAL A 47 -11.86 6.09 2.71
C VAL A 47 -11.80 5.32 4.02
N THR A 48 -11.29 4.07 3.97
CA THR A 48 -11.21 3.25 5.17
C THR A 48 -10.34 3.90 6.24
N LYS A 49 -9.18 4.43 5.84
CA LYS A 49 -8.35 5.19 6.76
C LYS A 49 -9.12 6.32 7.42
N TYR A 50 -9.93 7.04 6.63
CA TYR A 50 -10.67 8.18 7.16
C TYR A 50 -11.82 7.76 8.05
N ILE A 51 -12.46 6.63 7.73
CA ILE A 51 -13.57 6.16 8.56
C ILE A 51 -13.06 5.82 9.97
N ILE A 52 -11.89 5.18 10.05
CA ILE A 52 -11.32 4.82 11.35
C ILE A 52 -10.93 6.08 12.13
N ALA A 53 -10.42 7.09 11.42
CA ALA A 53 -9.96 8.30 12.09
C ALA A 53 -11.11 9.08 12.73
N THR A 54 -12.30 9.02 12.15
CA THR A 54 -13.42 9.84 12.60
C THR A 54 -14.43 9.10 13.45
N THR A 55 -14.34 7.76 13.53
CA THR A 55 -15.25 6.99 14.36
C THR A 55 -14.62 6.44 15.63
N MET A 56 -13.30 6.50 15.75
CA MET A 56 -12.60 5.83 16.84
C MET A 56 -11.55 6.75 17.44
N LYS A 57 -10.96 6.31 18.54
CA LYS A 57 -9.83 6.95 19.18
C LYS A 57 -8.61 6.04 19.10
N ILE A 58 -7.43 6.63 19.26
CA ILE A 58 -6.20 5.84 19.25
C ILE A 58 -6.25 4.81 20.36
N GLY A 59 -6.01 3.55 20.02
CA GLY A 59 -6.04 2.45 20.97
C GLY A 59 -7.34 1.68 21.01
N ASP A 60 -8.43 2.27 20.57
CA ASP A 60 -9.71 1.56 20.53
C ASP A 60 -9.64 0.39 19.55
N SER A 61 -10.48 -0.61 19.78
CA SER A 61 -10.49 -1.81 18.97
C SER A 61 -11.86 -2.47 19.04
N PHE A 62 -12.40 -2.82 17.87
CA PHE A 62 -13.65 -3.57 17.78
C PHE A 62 -13.46 -4.71 16.80
N GLU A 63 -14.16 -5.82 17.07
CA GLU A 63 -13.94 -7.06 16.34
C GLU A 63 -14.65 -7.05 14.99
N VAL A 64 -14.02 -7.72 14.01
CA VAL A 64 -14.63 -8.02 12.72
C VAL A 64 -14.94 -9.50 12.59
N ILE A 65 -13.92 -10.34 12.67
CA ILE A 65 -14.07 -11.79 12.75
C ILE A 65 -13.50 -12.22 14.09
N PRO A 66 -14.30 -12.83 14.97
CA PRO A 66 -13.88 -13.02 16.36
C PRO A 66 -12.60 -13.81 16.49
N HIS A 67 -11.68 -13.26 17.29
CA HIS A 67 -10.40 -13.86 17.67
C HIS A 67 -9.39 -13.93 16.54
N PHE A 68 -9.71 -13.41 15.35
CA PHE A 68 -8.75 -13.42 14.24
C PHE A 68 -8.60 -12.10 13.50
N LEU A 69 -9.57 -11.21 13.52
CA LEU A 69 -9.43 -9.92 12.86
C LEU A 69 -10.13 -8.85 13.70
N ASN A 70 -9.36 -7.85 14.11
CA ASN A 70 -9.89 -6.68 14.79
C ASN A 70 -9.53 -5.42 14.02
N ILE A 71 -10.32 -4.37 14.24
CA ILE A 71 -10.02 -3.03 13.72
C ILE A 71 -9.46 -2.23 14.89
N THR A 72 -8.13 -2.13 14.95
CA THR A 72 -7.44 -1.47 16.05
C THR A 72 -6.84 -0.17 15.51
N SER A 73 -7.36 0.95 16.01
CA SER A 73 -6.91 2.26 15.54
C SER A 73 -5.47 2.51 15.97
N HIS A 74 -4.58 2.72 15.00
CA HIS A 74 -3.17 2.99 15.25
C HIS A 74 -2.68 4.04 14.27
N ARG A 75 -1.61 4.73 14.65
CA ARG A 75 -0.91 5.66 13.78
C ARG A 75 0.55 5.28 13.71
N ASN A 76 1.12 5.35 12.50
CA ASN A 76 2.51 4.94 12.28
C ASN A 76 3.31 6.14 11.78
N ASN A 77 4.41 6.44 12.48
CA ASN A 77 5.31 7.53 12.10
C ASN A 77 6.75 7.05 12.07
N GLY A 78 6.96 5.76 11.83
CA GLY A 78 8.32 5.23 11.75
C GLY A 78 9.01 5.07 13.07
N ALA A 79 8.27 4.94 14.16
CA ALA A 79 8.88 4.79 15.48
C ALA A 79 9.59 3.46 15.65
N ALA A 80 9.42 2.52 14.71
CA ALA A 80 10.13 1.26 14.78
C ALA A 80 11.62 1.42 14.51
N TRP A 81 12.02 2.48 13.80
CA TRP A 81 13.42 2.70 13.45
C TRP A 81 14.21 3.42 14.55
N GLY A 82 13.55 3.89 15.60
CA GLY A 82 14.24 4.57 16.67
C GLY A 82 14.45 6.04 16.36
N ILE A 83 15.49 6.60 16.96
CA ILE A 83 15.78 8.03 16.82
C ILE A 83 16.32 8.30 15.42
N LEU A 84 15.70 9.25 14.73
CA LEU A 84 16.14 9.69 13.41
C LEU A 84 15.85 11.19 13.30
N SER A 85 16.80 11.92 12.72
CA SER A 85 16.69 13.38 12.66
C SER A 85 15.43 13.80 11.92
N GLY A 86 15.37 13.52 10.62
CA GLY A 86 14.13 13.64 9.88
C GLY A 86 13.89 12.44 9.01
N LYS A 87 12.85 11.65 9.31
CA LYS A 87 12.54 10.48 8.51
C LYS A 87 11.40 10.70 7.54
N MET A 88 10.50 11.66 7.81
CA MET A 88 9.46 11.98 6.86
C MET A 88 10.04 12.55 5.57
N THR A 89 11.10 13.36 5.69
CA THR A 89 11.77 13.86 4.49
C THR A 89 12.45 12.73 3.73
N PHE A 90 13.08 11.80 4.45
CA PHE A 90 13.71 10.66 3.78
C PHE A 90 12.67 9.73 3.19
N PHE A 91 11.59 9.46 3.92
CA PHE A 91 10.46 8.72 3.34
C PHE A 91 9.90 9.46 2.14
N PHE A 92 9.88 10.79 2.21
CA PHE A 92 9.38 11.61 1.10
C PHE A 92 10.23 11.42 -0.15
N ILE A 93 11.56 11.53 0.01
CA ILE A 93 12.45 11.35 -1.14
C ILE A 93 12.39 9.92 -1.65
N ILE A 94 12.32 8.95 -0.74
CA ILE A 94 12.29 7.54 -1.15
C ILE A 94 11.02 7.23 -1.95
N THR A 95 9.86 7.64 -1.43
CA THR A 95 8.59 7.32 -2.08
C THR A 95 8.53 7.91 -3.48
N ILE A 96 8.99 9.16 -3.65
CA ILE A 96 8.89 9.82 -4.95
C ILE A 96 9.82 9.17 -5.96
N ILE A 97 11.06 8.87 -5.55
CA ILE A 97 12.01 8.20 -6.42
C ILE A 97 11.45 6.88 -6.91
N ILE A 98 10.76 6.15 -6.03
CA ILE A 98 10.21 4.85 -6.40
C ILE A 98 8.94 5.03 -7.23
N LEU A 99 8.13 6.05 -6.92
CA LEU A 99 6.95 6.32 -7.73
C LEU A 99 7.31 6.63 -9.18
N ILE A 100 8.42 7.34 -9.38
CA ILE A 100 8.86 7.65 -10.74
C ILE A 100 9.41 6.41 -11.42
N ALA A 101 10.16 5.58 -10.68
CA ALA A 101 10.72 4.37 -11.26
C ALA A 101 9.63 3.39 -11.68
N LEU A 102 8.55 3.31 -10.91
CA LEU A 102 7.45 2.42 -11.28
C LEU A 102 6.84 2.81 -12.61
N VAL A 103 6.58 4.12 -12.80
CA VAL A 103 6.07 4.60 -14.07
C VAL A 103 7.04 4.26 -15.20
N TYR A 104 8.33 4.47 -14.96
CA TYR A 104 9.34 4.16 -15.97
C TYR A 104 9.44 2.66 -16.21
N PHE A 105 9.36 1.86 -15.15
CA PHE A 105 9.28 0.41 -15.29
C PHE A 105 8.05 0.04 -16.12
N PHE A 106 6.90 0.68 -15.83
CA PHE A 106 5.67 0.43 -16.58
C PHE A 106 5.87 0.62 -18.08
N ILE A 107 6.63 1.65 -18.46
CA ILE A 107 6.75 2.00 -19.87
C ILE A 107 7.76 1.10 -20.57
N LYS A 108 8.90 0.81 -19.93
CA LYS A 108 10.04 0.19 -20.59
C LYS A 108 9.93 -1.34 -20.69
N ASP A 109 9.60 -2.01 -19.59
CA ASP A 109 9.64 -3.47 -19.56
C ASP A 109 8.31 -4.14 -19.29
N ALA A 110 7.22 -3.38 -19.19
CA ALA A 110 5.90 -3.95 -18.93
C ALA A 110 5.00 -3.89 -20.16
N GLN A 111 5.57 -3.71 -21.35
CA GLN A 111 4.77 -3.62 -22.56
C GLN A 111 4.13 -4.97 -22.88
N TYR A 112 2.89 -4.93 -23.36
CA TYR A 112 2.10 -6.10 -23.76
C TYR A 112 1.92 -7.10 -22.63
N ASN A 113 2.20 -6.72 -21.39
CA ASN A 113 2.16 -7.62 -20.24
C ASN A 113 1.17 -7.03 -19.24
N LEU A 114 -0.10 -7.44 -19.35
CA LEU A 114 -1.11 -6.95 -18.42
C LEU A 114 -0.82 -7.37 -16.99
N PHE A 115 -0.30 -8.58 -16.81
CA PHE A 115 -0.03 -9.09 -15.46
C PHE A 115 0.91 -8.18 -14.69
N MET A 116 2.03 -7.80 -15.30
CA MET A 116 2.97 -6.93 -14.60
C MET A 116 2.43 -5.52 -14.46
N GLN A 117 1.71 -5.03 -15.48
CA GLN A 117 1.12 -3.70 -15.39
C GLN A 117 0.12 -3.61 -14.24
N VAL A 118 -0.65 -4.67 -14.01
CA VAL A 118 -1.51 -4.72 -12.83
C VAL A 118 -0.67 -4.71 -11.56
N ALA A 119 0.41 -5.49 -11.54
CA ALA A 119 1.27 -5.54 -10.36
C ALA A 119 1.90 -4.20 -10.06
N ILE A 120 2.42 -3.52 -11.10
CA ILE A 120 2.99 -2.19 -10.91
C ILE A 120 1.93 -1.23 -10.38
N SER A 121 0.70 -1.34 -10.89
CA SER A 121 -0.39 -0.51 -10.39
C SER A 121 -0.64 -0.76 -8.91
N LEU A 122 -0.67 -2.03 -8.51
CA LEU A 122 -0.82 -2.37 -7.10
C LEU A 122 0.32 -1.80 -6.27
N LEU A 123 1.55 -1.86 -6.81
CA LEU A 123 2.67 -1.24 -6.13
C LEU A 123 2.55 0.28 -6.12
N PHE A 124 2.14 0.87 -7.24
CA PHE A 124 2.00 2.33 -7.32
C PHE A 124 0.90 2.81 -6.39
N ALA A 125 -0.26 2.16 -6.42
CA ALA A 125 -1.38 2.62 -5.59
C ALA A 125 -1.08 2.46 -4.11
N GLY A 126 -0.46 1.35 -3.72
CA GLY A 126 -0.14 1.14 -2.32
C GLY A 126 0.88 2.12 -1.79
N ALA A 127 1.79 2.59 -2.64
CA ALA A 127 2.76 3.60 -2.21
C ALA A 127 2.12 4.98 -2.13
N LEU A 128 1.26 5.31 -3.10
CA LEU A 128 0.61 6.63 -3.11
C LEU A 128 -0.35 6.79 -1.94
N GLY A 129 -1.08 5.72 -1.59
CA GLY A 129 -2.02 5.81 -0.48
C GLY A 129 -1.35 6.20 0.82
N ASN A 130 -0.22 5.55 1.14
CA ASN A 130 0.55 5.95 2.31
C ASN A 130 1.20 7.31 2.12
N PHE A 131 1.57 7.64 0.87
CA PHE A 131 2.20 8.93 0.60
C PHE A 131 1.29 10.09 0.97
N ILE A 132 -0.01 9.96 0.71
CA ILE A 132 -0.96 11.02 1.05
C ILE A 132 -1.03 11.20 2.56
N ASP A 133 -0.98 10.09 3.31
CA ASP A 133 -1.06 10.17 4.77
C ASP A 133 0.12 10.95 5.33
N ARG A 134 1.32 10.69 4.85
CA ARG A 134 2.51 11.33 5.41
C ARG A 134 2.60 12.79 5.01
N VAL A 135 2.22 13.11 3.77
CA VAL A 135 2.29 14.50 3.31
C VAL A 135 1.31 15.37 4.09
N LEU A 136 0.09 14.88 4.30
CA LEU A 136 -0.93 15.67 4.99
C LEU A 136 -0.66 15.73 6.48
N THR A 137 -0.53 14.57 7.13
CA THR A 137 -0.52 14.50 8.58
C THR A 137 0.84 14.15 9.18
N GLY A 138 1.81 13.72 8.38
CA GLY A 138 3.05 13.25 8.96
C GLY A 138 2.96 11.90 9.63
N GLU A 139 1.88 11.17 9.42
CA GLU A 139 1.68 9.85 10.01
C GLU A 139 0.95 8.98 8.98
N VAL A 140 0.70 7.73 9.34
CA VAL A 140 -0.05 6.79 8.52
C VAL A 140 -1.08 6.11 9.38
N VAL A 141 -2.33 6.08 8.91
CA VAL A 141 -3.42 5.44 9.63
C VAL A 141 -3.33 3.93 9.43
N ASP A 142 -3.18 3.19 10.52
CA ASP A 142 -3.15 1.73 10.50
C ASP A 142 -4.31 1.21 11.33
N PHE A 143 -5.09 0.28 10.75
CA PHE A 143 -6.26 -0.24 11.45
C PHE A 143 -6.44 -1.75 11.36
N ILE A 144 -5.78 -2.45 10.44
CA ILE A 144 -6.00 -3.89 10.28
C ILE A 144 -5.13 -4.64 11.30
N ASP A 145 -5.78 -5.37 12.20
CA ASP A 145 -5.11 -6.05 13.30
C ASP A 145 -5.58 -7.51 13.30
N THR A 146 -4.71 -8.42 12.88
CA THR A 146 -5.05 -9.83 12.74
C THR A 146 -4.03 -10.68 13.50
N ASN A 147 -4.38 -11.96 13.67
CA ASN A 147 -3.49 -12.97 14.23
C ASN A 147 -3.34 -14.13 13.26
N ILE A 148 -3.53 -13.87 11.97
CA ILE A 148 -3.42 -14.93 10.96
C ILE A 148 -1.95 -15.20 10.64
N PHE A 149 -1.10 -14.17 10.67
CA PHE A 149 0.32 -14.29 10.38
C PHE A 149 1.15 -14.39 11.65
N GLY A 150 0.63 -15.04 12.69
CA GLY A 150 1.23 -14.97 14.00
C GLY A 150 0.97 -13.61 14.62
N TYR A 151 1.41 -13.45 15.86
CA TYR A 151 1.20 -12.20 16.57
C TYR A 151 2.46 -11.35 16.52
N ASP A 152 2.31 -10.09 16.92
CA ASP A 152 3.29 -9.01 16.79
C ASP A 152 3.53 -8.64 15.33
N PHE A 153 2.71 -9.15 14.43
CA PHE A 153 2.67 -8.61 13.07
C PHE A 153 1.99 -7.24 13.13
N PRO A 154 2.64 -6.18 12.65
CA PRO A 154 2.15 -4.83 12.93
C PRO A 154 0.80 -4.56 12.31
N ILE A 155 0.13 -3.54 12.85
CA ILE A 155 -1.15 -3.09 12.32
C ILE A 155 -0.91 -2.39 10.99
N PHE A 156 -1.57 -2.86 9.93
CA PHE A 156 -1.38 -2.31 8.59
C PHE A 156 -2.72 -1.84 8.02
N ASN A 157 -2.70 -1.47 6.74
CA ASN A 157 -3.87 -0.88 6.09
C ASN A 157 -3.97 -1.41 4.67
N ILE A 158 -4.88 -0.83 3.89
CA ILE A 158 -5.09 -1.26 2.51
C ILE A 158 -3.88 -0.94 1.65
N ALA A 159 -3.29 0.24 1.83
CA ALA A 159 -2.12 0.61 1.06
C ALA A 159 -0.97 -0.38 1.28
N ASP A 160 -0.81 -0.85 2.51
CA ASP A 160 0.19 -1.90 2.76
C ASP A 160 -0.21 -3.21 2.08
N SER A 161 -1.51 -3.51 2.03
CA SER A 161 -1.96 -4.76 1.42
C SER A 161 -1.73 -4.75 -0.08
N SER A 162 -2.04 -3.65 -0.76
CA SER A 162 -1.82 -3.56 -2.19
C SER A 162 -0.34 -3.69 -2.54
N LEU A 163 0.53 -3.09 -1.74
CA LEU A 163 1.96 -3.22 -1.95
C LEU A 163 2.41 -4.68 -1.80
N THR A 164 1.99 -5.33 -0.73
CA THR A 164 2.39 -6.72 -0.49
C THR A 164 1.89 -7.63 -1.61
N ILE A 165 0.63 -7.46 -2.04
CA ILE A 165 0.10 -8.26 -3.14
C ILE A 165 0.87 -7.99 -4.43
N GLY A 166 1.16 -6.71 -4.70
CA GLY A 166 1.97 -6.37 -5.86
C GLY A 166 3.35 -6.98 -5.83
N VAL A 167 3.94 -7.13 -4.64
CA VAL A 167 5.23 -7.79 -4.53
C VAL A 167 5.09 -9.28 -4.76
N ILE A 168 4.01 -9.88 -4.27
CA ILE A 168 3.77 -11.30 -4.51
C ILE A 168 3.63 -11.57 -6.00
N LEU A 169 2.93 -10.69 -6.72
CA LEU A 169 2.72 -10.91 -8.15
C LEU A 169 4.02 -10.80 -8.94
N ILE A 170 4.86 -9.81 -8.61
CA ILE A 170 6.12 -9.67 -9.34
C ILE A 170 7.07 -10.80 -8.97
N ILE A 171 7.03 -11.28 -7.72
CA ILE A 171 7.83 -12.45 -7.34
C ILE A 171 7.39 -13.66 -8.15
N ILE A 172 6.08 -13.77 -8.40
CA ILE A 172 5.60 -14.81 -9.32
C ILE A 172 6.01 -14.48 -10.75
N ALA A 173 6.03 -13.20 -11.11
CA ALA A 173 6.53 -12.81 -12.43
C ALA A 173 8.05 -12.92 -12.50
N LEU A 174 8.74 -12.76 -11.37
CA LEU A 174 10.17 -13.03 -11.33
C LEU A 174 10.49 -14.51 -11.34
N LEU A 175 9.54 -15.36 -10.96
CA LEU A 175 9.75 -16.81 -10.95
C LEU A 175 9.57 -17.44 -12.33
N LYS A 176 9.56 -16.63 -13.38
CA LYS A 176 9.76 -17.14 -14.73
C LYS A 176 11.24 -17.34 -14.99
N ASP A 177 11.55 -18.14 -16.01
CA ASP A 177 12.92 -18.55 -16.32
C ASP A 177 13.54 -19.32 -15.15
N THR A 178 12.70 -20.02 -14.38
CA THR A 178 13.15 -20.85 -13.28
C THR A 178 12.04 -21.79 -12.82
N SER B 3 3.82 1.46 5.83
CA SER B 3 3.41 2.41 6.87
C SER B 3 4.54 2.88 7.79
#